data_5E1V
#
_entry.id   5E1V
#
_cell.length_a   38.030
_cell.length_b   63.820
_cell.length_c   66.990
_cell.angle_alpha   89.990
_cell.angle_beta   89.820
_cell.angle_gamma   79.230
#
_symmetry.space_group_name_H-M   'P 1'
#
loop_
_entity.id
_entity.type
_entity.pdbx_description
1 polymer 'Polyketide synthase PksL'
2 water water
#
_entity_poly.entity_id   1
_entity_poly.type   'polypeptide(L)'
_entity_poly.pdbx_seq_one_letter_code
;NVKKITKQLTLSLKNPFIYHHVVYGQNVLPGLAYIDIIYQIFREHGFSCSELQLRNLSIYQPLTAEQDAVIVLNIQCAEK
KEGQWQITAKGIEKRDGKEASEEKLYMKADMHADSPAIFEETLDLSQIKASAQNVVQLDDVYEQCRRQELVHSEYMKAKG
CIYEEEDGVLLELSLGSEAMLHAEGFMFHPTLIDGSGVGANHLLTSLLKGEQRLYLPLFYESFSASALLQTDCMTRIKRS
SVRREKELIYVTLEFFNASGEKVAELKNFTSKLV
;
_entity_poly.pdbx_strand_id   B,A
#
# COMPACT_ATOMS: atom_id res chain seq x y z
N ASN A 1 -27.56 39.68 -13.77
CA ASN A 1 -27.02 40.16 -15.09
C ASN A 1 -26.51 39.03 -15.97
N VAL A 2 -26.00 38.00 -15.33
CA VAL A 2 -25.56 36.80 -16.01
C VAL A 2 -26.65 35.73 -15.94
N LYS A 3 -26.93 35.13 -17.08
CA LYS A 3 -27.62 33.84 -17.16
C LYS A 3 -26.72 32.71 -17.68
N LYS A 4 -25.76 33.08 -18.53
CA LYS A 4 -24.84 32.15 -19.17
C LYS A 4 -23.50 32.82 -19.16
N ILE A 5 -22.54 32.22 -18.44
CA ILE A 5 -21.18 32.74 -18.33
C ILE A 5 -20.28 31.72 -19.04
N THR A 6 -19.38 32.19 -19.92
CA THR A 6 -18.39 31.26 -20.51
C THR A 6 -16.98 31.83 -20.37
N LYS A 7 -15.98 30.95 -20.25
CA LYS A 7 -14.62 31.38 -20.11
C LYS A 7 -13.87 30.28 -20.84
N GLN A 8 -12.97 30.71 -21.70
CA GLN A 8 -12.06 29.84 -22.42
C GLN A 8 -10.64 29.99 -21.87
N LEU A 9 -10.05 28.85 -21.46
CA LEU A 9 -8.71 28.81 -20.89
C LEU A 9 -7.81 28.05 -21.87
N THR A 10 -6.56 28.50 -22.04
CA THR A 10 -5.61 27.74 -22.88
C THR A 10 -4.58 27.11 -21.97
N LEU A 11 -4.65 25.80 -21.90
CA LEU A 11 -3.87 25.07 -20.89
C LEU A 11 -2.81 24.25 -21.62
N SER A 12 -1.58 24.44 -21.18
CA SER A 12 -0.39 23.85 -21.86
C SER A 12 0.75 23.79 -20.80
N LEU A 13 1.95 23.32 -21.18
CA LEU A 13 3.12 23.38 -20.34
C LEU A 13 3.62 24.79 -19.99
N LYS A 14 3.04 25.79 -20.59
CA LYS A 14 3.35 27.18 -20.24
C LYS A 14 2.71 27.57 -18.90
N ASN A 15 1.67 26.84 -18.52
CA ASN A 15 1.01 27.03 -17.26
C ASN A 15 1.88 26.39 -16.19
N PRO A 16 2.21 27.16 -15.13
CA PRO A 16 3.17 26.61 -14.17
C PRO A 16 2.63 25.45 -13.35
N PHE A 17 1.29 25.33 -13.17
CA PHE A 17 0.78 24.18 -12.42
C PHE A 17 0.95 22.90 -13.25
N ILE A 18 0.72 22.99 -14.55
CA ILE A 18 0.85 21.86 -15.40
C ILE A 18 2.32 21.50 -15.56
N TYR A 19 3.17 22.48 -15.80
CA TYR A 19 4.54 22.16 -16.01
C TYR A 19 5.15 21.49 -14.81
N HIS A 20 4.74 21.88 -13.62
CA HIS A 20 5.38 21.45 -12.36
C HIS A 20 4.57 20.37 -11.61
N HIS A 21 3.70 19.70 -12.33
CA HIS A 21 2.90 18.66 -11.71
C HIS A 21 2.80 17.51 -12.63
N VAL A 22 3.55 16.44 -12.30
CA VAL A 22 3.75 15.29 -13.21
C VAL A 22 3.27 14.06 -12.52
N VAL A 23 2.43 13.31 -13.20
CA VAL A 23 1.78 12.11 -12.67
C VAL A 23 1.97 10.90 -13.61
N TYR A 24 2.68 9.88 -13.14
CA TYR A 24 3.10 8.73 -14.00
C TYR A 24 3.70 9.26 -15.31
N GLY A 25 4.68 10.14 -15.15
CA GLY A 25 5.29 10.92 -16.20
C GLY A 25 4.49 11.80 -17.15
N GLN A 26 3.23 12.10 -16.87
CA GLN A 26 2.49 13.05 -17.74
C GLN A 26 2.20 14.35 -16.99
N ASN A 27 2.29 15.49 -17.68
CA ASN A 27 1.99 16.79 -17.02
C ASN A 27 0.46 16.86 -16.84
N VAL A 28 -0.04 17.16 -15.64
CA VAL A 28 -1.43 17.14 -15.35
C VAL A 28 -1.84 18.38 -14.60
N LEU A 29 -2.89 19.02 -15.03
CA LEU A 29 -3.45 20.06 -14.19
C LEU A 29 -4.02 19.43 -12.88
N PRO A 30 -3.51 19.83 -11.72
CA PRO A 30 -4.10 19.22 -10.52
C PRO A 30 -5.60 19.44 -10.49
N GLY A 31 -6.31 18.38 -10.20
CA GLY A 31 -7.73 18.47 -10.15
C GLY A 31 -8.19 19.50 -9.12
N LEU A 32 -7.41 19.74 -8.08
CA LEU A 32 -7.80 20.70 -7.01
C LEU A 32 -7.65 22.19 -7.47
N ALA A 33 -7.08 22.37 -8.66
CA ALA A 33 -6.97 23.67 -9.29
C ALA A 33 -8.27 24.15 -9.86
N TYR A 34 -9.26 23.24 -10.02
CA TYR A 34 -10.59 23.69 -10.52
C TYR A 34 -11.29 24.68 -9.59
N ILE A 35 -11.03 24.60 -8.29
CA ILE A 35 -11.67 25.55 -7.32
C ILE A 35 -11.32 27.02 -7.69
N ASP A 36 -10.00 27.24 -7.86
CA ASP A 36 -9.53 28.57 -8.30
C ASP A 36 -10.10 28.97 -9.64
N ILE A 37 -10.01 28.07 -10.64
CA ILE A 37 -10.56 28.30 -11.95
C ILE A 37 -12.03 28.82 -11.87
N ILE A 38 -12.87 28.06 -11.17
CA ILE A 38 -14.27 28.37 -11.15
C ILE A 38 -14.59 29.69 -10.39
N TYR A 39 -13.93 29.94 -9.25
CA TYR A 39 -14.23 31.12 -8.45
C TYR A 39 -13.70 32.36 -9.19
N GLN A 40 -12.60 32.21 -9.96
CA GLN A 40 -12.13 33.36 -10.82
C GLN A 40 -13.19 33.82 -11.80
N ILE A 41 -13.85 32.88 -12.45
CA ILE A 41 -14.85 33.12 -13.41
C ILE A 41 -16.04 33.93 -12.79
N PHE A 42 -16.54 33.45 -11.67
CA PHE A 42 -17.67 34.17 -11.02
C PHE A 42 -17.27 35.52 -10.49
N ARG A 43 -16.04 35.62 -9.99
CA ARG A 43 -15.52 36.92 -9.52
C ARG A 43 -15.53 37.95 -10.68
N GLU A 44 -15.17 37.49 -11.87
CA GLU A 44 -15.07 38.40 -13.01
C GLU A 44 -16.42 39.01 -13.37
N HIS A 45 -17.49 38.28 -12.97
CA HIS A 45 -18.90 38.71 -13.16
C HIS A 45 -19.52 39.29 -11.93
N GLY A 46 -18.76 39.47 -10.86
CA GLY A 46 -19.18 40.32 -9.73
C GLY A 46 -19.45 39.59 -8.49
N PHE A 47 -19.24 38.27 -8.49
CA PHE A 47 -19.54 37.50 -7.28
C PHE A 47 -18.36 37.39 -6.38
N SER A 48 -18.61 37.72 -5.10
CA SER A 48 -17.65 37.51 -4.03
C SER A 48 -17.61 36.03 -3.62
N CYS A 49 -16.45 35.48 -3.26
CA CYS A 49 -16.35 34.05 -2.83
C CYS A 49 -17.31 33.73 -1.71
N SER A 50 -17.61 34.70 -0.87
CA SER A 50 -18.48 34.42 0.28
C SER A 50 -19.98 34.27 -0.14
N GLU A 51 -20.33 34.68 -1.34
CA GLU A 51 -21.70 34.53 -1.85
C GLU A 51 -22.06 33.16 -2.36
N LEU A 52 -21.07 32.29 -2.55
CA LEU A 52 -21.20 31.15 -3.39
C LEU A 52 -20.92 29.90 -2.53
N GLN A 53 -21.47 28.78 -2.97
CA GLN A 53 -21.02 27.47 -2.54
C GLN A 53 -20.89 26.61 -3.78
N LEU A 54 -19.72 26.05 -3.98
CA LEU A 54 -19.43 25.12 -5.08
C LEU A 54 -19.91 23.74 -4.56
N ARG A 55 -20.67 23.07 -5.39
CA ARG A 55 -21.15 21.74 -5.02
C ARG A 55 -21.04 20.69 -6.09
N ASN A 56 -20.81 19.46 -5.65
CA ASN A 56 -20.89 18.24 -6.45
C ASN A 56 -20.05 18.35 -7.70
N LEU A 57 -18.78 18.74 -7.52
CA LEU A 57 -17.82 18.74 -8.61
C LEU A 57 -17.37 17.37 -8.92
N SER A 58 -17.47 16.96 -10.18
CA SER A 58 -16.96 15.70 -10.63
C SER A 58 -15.91 15.88 -11.69
N ILE A 59 -14.83 15.14 -11.53
CA ILE A 59 -13.76 14.97 -12.52
C ILE A 59 -13.93 13.69 -13.28
N TYR A 60 -14.05 13.82 -14.59
CA TYR A 60 -14.30 12.70 -15.53
C TYR A 60 -12.99 12.12 -16.01
N GLN A 61 -11.96 12.97 -16.19
CA GLN A 61 -10.68 12.53 -16.60
C GLN A 61 -9.64 13.61 -16.29
N PRO A 62 -8.36 13.22 -16.16
CA PRO A 62 -7.28 14.21 -15.96
C PRO A 62 -7.03 15.06 -17.16
N LEU A 63 -6.71 16.33 -16.88
CA LEU A 63 -6.43 17.30 -17.91
C LEU A 63 -4.91 17.26 -18.09
N THR A 64 -4.48 16.67 -19.18
CA THR A 64 -3.07 16.38 -19.36
C THR A 64 -2.59 17.12 -20.58
N ALA A 65 -1.32 17.48 -20.62
CA ALA A 65 -0.76 18.08 -21.85
C ALA A 65 0.62 17.53 -22.05
N GLU A 66 1.00 17.28 -23.28
CA GLU A 66 2.41 17.02 -23.47
C GLU A 66 3.01 17.88 -24.58
N GLN A 67 4.32 17.99 -24.51
CA GLN A 67 5.11 18.68 -25.50
C GLN A 67 4.49 20.07 -25.68
N ASP A 68 4.16 20.43 -26.90
CA ASP A 68 3.56 21.71 -27.25
C ASP A 68 2.06 21.67 -27.42
N ALA A 69 1.41 20.58 -27.02
CA ALA A 69 -0.05 20.42 -27.24
C ALA A 69 -0.78 21.45 -26.32
N VAL A 70 -1.88 22.01 -26.81
CA VAL A 70 -2.63 23.03 -26.01
C VAL A 70 -4.01 22.46 -25.80
N ILE A 71 -4.58 22.50 -24.59
CA ILE A 71 -5.94 22.12 -24.40
C ILE A 71 -6.76 23.43 -24.24
N VAL A 72 -7.70 23.63 -25.16
CA VAL A 72 -8.52 24.80 -25.12
C VAL A 72 -9.77 24.40 -24.36
N LEU A 73 -9.88 24.87 -23.12
CA LEU A 73 -10.92 24.44 -22.19
C LEU A 73 -12.02 25.50 -22.12
N ASN A 74 -13.21 25.08 -22.53
CA ASN A 74 -14.37 25.93 -22.55
C ASN A 74 -15.13 25.64 -21.29
N ILE A 75 -15.26 26.65 -20.42
CA ILE A 75 -16.06 26.52 -19.18
C ILE A 75 -17.37 27.28 -19.38
N GLN A 76 -18.50 26.57 -19.36
CA GLN A 76 -19.82 27.24 -19.42
C GLN A 76 -20.56 27.06 -18.07
N CYS A 77 -21.10 28.17 -17.56
CA CYS A 77 -21.87 28.22 -16.32
C CYS A 77 -23.24 28.72 -16.77
N ALA A 78 -24.24 27.91 -16.55
CA ALA A 78 -25.58 28.20 -17.03
C ALA A 78 -26.50 28.22 -15.84
N GLU A 79 -27.22 29.36 -15.69
CA GLU A 79 -28.13 29.64 -14.57
C GLU A 79 -29.46 28.91 -14.76
N LYS A 80 -29.54 27.68 -14.28
CA LYS A 80 -30.72 26.81 -14.57
C LYS A 80 -31.95 27.27 -13.83
N LYS A 81 -31.75 27.60 -12.56
CA LYS A 81 -32.76 28.16 -11.66
C LYS A 81 -32.12 29.37 -10.99
N GLU A 82 -32.92 30.24 -10.40
CA GLU A 82 -32.37 31.49 -9.87
C GLU A 82 -31.29 31.18 -8.81
N GLY A 83 -30.14 31.82 -8.98
CA GLY A 83 -28.97 31.60 -8.14
C GLY A 83 -28.34 30.20 -8.21
N GLN A 84 -28.67 29.43 -9.25
CA GLN A 84 -28.13 28.06 -9.38
C GLN A 84 -27.49 27.82 -10.74
N TRP A 85 -26.18 27.62 -10.79
CA TRP A 85 -25.52 27.43 -12.09
C TRP A 85 -24.99 25.99 -12.23
N GLN A 86 -25.10 25.43 -13.43
CA GLN A 86 -24.50 24.14 -13.76
C GLN A 86 -23.27 24.58 -14.55
N ILE A 87 -22.16 24.00 -14.19
CA ILE A 87 -20.86 24.26 -14.82
C ILE A 87 -20.41 23.01 -15.58
N THR A 88 -19.93 23.19 -16.79
CA THR A 88 -19.33 22.06 -17.52
C THR A 88 -17.98 22.56 -18.15
N ALA A 89 -16.94 21.72 -18.12
CA ALA A 89 -15.71 22.16 -18.71
C ALA A 89 -15.32 21.08 -19.73
N LYS A 90 -15.31 21.48 -20.97
CA LYS A 90 -15.00 20.54 -22.03
C LYS A 90 -13.88 21.15 -22.88
N GLY A 91 -12.95 20.32 -23.29
CA GLY A 91 -11.82 20.78 -23.97
C GLY A 91 -11.47 20.04 -25.27
N ILE A 92 -10.80 20.76 -26.11
CA ILE A 92 -10.25 20.26 -27.37
C ILE A 92 -8.73 20.44 -27.41
N GLU A 93 -8.00 19.41 -27.76
CA GLU A 93 -6.57 19.50 -27.88
C GLU A 93 -6.07 19.97 -29.26
N LYS A 94 -5.27 21.03 -29.29
CA LYS A 94 -4.77 21.63 -30.51
C LYS A 94 -3.29 21.37 -30.56
N ARG A 95 -2.85 20.90 -31.69
CA ARG A 95 -1.45 20.64 -31.82
C ARG A 95 -1.09 20.65 -33.28
N ASP A 96 0.16 20.32 -33.51
CA ASP A 96 0.73 20.08 -34.82
C ASP A 96 2.14 19.57 -34.45
N GLY A 97 2.45 18.26 -34.42
CA GLY A 97 1.51 17.10 -34.49
C GLY A 97 0.29 17.09 -35.40
N LYS A 98 -0.82 16.51 -34.89
CA LYS A 98 -2.09 16.40 -35.63
C LYS A 98 -3.05 17.42 -35.05
N GLU A 99 -3.79 18.13 -35.92
CA GLU A 99 -4.54 19.33 -35.56
C GLU A 99 -5.74 19.04 -34.63
N ALA A 100 -6.54 20.07 -34.35
CA ALA A 100 -7.59 19.98 -33.31
C ALA A 100 -8.20 18.56 -33.18
N SER A 101 -8.23 17.99 -31.96
CA SER A 101 -8.81 16.64 -31.66
C SER A 101 -10.32 16.69 -31.20
N GLU A 102 -10.98 15.56 -30.87
CA GLU A 102 -12.46 15.62 -30.54
C GLU A 102 -12.76 16.14 -29.08
N GLU A 103 -13.87 16.83 -28.88
CA GLU A 103 -14.15 17.49 -27.59
C GLU A 103 -14.37 16.50 -26.45
N LYS A 104 -13.67 16.69 -25.32
CA LYS A 104 -13.71 15.79 -24.17
C LYS A 104 -14.22 16.51 -22.92
N LEU A 105 -15.09 15.80 -22.20
CA LEU A 105 -15.56 16.25 -20.89
C LEU A 105 -14.52 16.04 -19.78
N TYR A 106 -14.15 17.15 -19.15
CA TYR A 106 -13.25 17.08 -18.02
C TYR A 106 -13.90 17.18 -16.64
N MET A 107 -14.85 18.08 -16.45
CA MET A 107 -15.35 18.39 -15.09
C MET A 107 -16.80 18.90 -15.27
N LYS A 108 -17.64 18.67 -14.30
CA LYS A 108 -18.89 19.39 -14.15
C LYS A 108 -19.08 19.69 -12.65
N ALA A 109 -19.94 20.64 -12.33
CA ALA A 109 -20.15 21.07 -11.00
C ALA A 109 -21.38 21.95 -10.96
N ASP A 110 -21.84 22.23 -9.75
CA ASP A 110 -22.91 23.16 -9.51
C ASP A 110 -22.39 24.31 -8.66
N MET A 111 -22.87 25.52 -8.92
CA MET A 111 -22.46 26.63 -8.05
C MET A 111 -23.78 27.25 -7.59
N HIS A 112 -23.92 27.43 -6.28
CA HIS A 112 -25.14 28.02 -5.69
C HIS A 112 -24.80 29.35 -5.17
N ALA A 113 -25.55 30.37 -5.61
CA ALA A 113 -25.32 31.76 -5.22
C ALA A 113 -26.07 32.05 -3.92
N ASP A 114 -26.96 31.15 -3.54
CA ASP A 114 -27.67 31.26 -2.27
C ASP A 114 -26.67 31.15 -1.13
N SER A 115 -27.02 31.81 -0.02
CA SER A 115 -26.36 31.63 1.27
C SER A 115 -24.92 32.19 1.36
N PRO A 116 -24.71 33.11 2.31
CA PRO A 116 -23.36 33.56 2.58
C PRO A 116 -22.55 32.53 3.38
N ALA A 117 -21.27 32.38 3.03
CA ALA A 117 -20.38 31.45 3.67
C ALA A 117 -19.84 32.11 4.90
N ILE A 118 -20.19 31.57 6.06
CA ILE A 118 -19.67 32.07 7.36
C ILE A 118 -19.28 30.88 8.25
N PHE A 119 -18.19 31.04 9.00
CA PHE A 119 -17.63 30.03 9.86
C PHE A 119 -17.34 30.70 11.20
N GLU A 120 -17.58 29.98 12.26
CA GLU A 120 -17.35 30.44 13.64
C GLU A 120 -16.16 29.79 14.31
N GLU A 121 -15.79 28.60 13.85
CA GLU A 121 -14.70 27.84 14.44
C GLU A 121 -13.39 28.67 14.51
N THR A 122 -12.71 28.65 15.67
CA THR A 122 -11.33 29.19 15.73
C THR A 122 -10.40 28.18 16.40
N LEU A 123 -9.10 28.37 16.21
CA LEU A 123 -8.09 27.50 16.78
C LEU A 123 -7.01 28.30 17.54
N ASP A 124 -6.41 27.68 18.54
CA ASP A 124 -5.25 28.24 19.22
C ASP A 124 -4.05 27.54 18.61
N LEU A 125 -3.47 28.11 17.57
CA LEU A 125 -2.48 27.40 16.74
C LEU A 125 -1.25 26.87 17.52
N SER A 126 -0.59 27.77 18.24
CA SER A 126 0.55 27.40 19.08
C SER A 126 0.25 26.20 19.98
N GLN A 127 -0.89 26.26 20.65
CA GLN A 127 -1.39 25.13 21.43
C GLN A 127 -1.31 23.79 20.68
N ILE A 128 -1.77 23.81 19.42
CA ILE A 128 -1.93 22.61 18.64
C ILE A 128 -0.52 22.08 18.33
N LYS A 129 0.40 22.99 18.04
CA LYS A 129 1.79 22.59 17.80
C LYS A 129 2.33 21.97 19.07
N ALA A 130 2.27 22.72 20.18
CA ALA A 130 2.74 22.24 21.47
C ALA A 130 2.22 20.85 21.86
N SER A 131 0.96 20.54 21.53
CA SER A 131 0.38 19.21 21.81
C SER A 131 0.70 18.15 20.73
N ALA A 132 1.54 18.49 19.75
CA ALA A 132 1.85 17.56 18.65
C ALA A 132 2.75 16.42 19.09
N GLN A 133 2.44 15.21 18.63
CA GLN A 133 3.21 14.03 18.99
C GLN A 133 4.42 13.90 18.08
N ASN A 134 4.24 14.19 16.80
CA ASN A 134 5.34 14.21 15.84
C ASN A 134 5.13 15.32 14.81
N VAL A 135 6.24 15.90 14.36
CA VAL A 135 6.27 16.83 13.21
C VAL A 135 6.94 16.19 11.96
N VAL A 136 6.20 16.12 10.86
CA VAL A 136 6.75 15.70 9.60
C VAL A 136 6.98 16.95 8.73
N GLN A 137 8.22 17.18 8.29
CA GLN A 137 8.47 18.23 7.30
C GLN A 137 7.82 17.81 5.94
N LEU A 138 7.23 18.78 5.27
CA LEU A 138 6.49 18.50 4.09
C LEU A 138 7.39 18.02 2.93
N ASP A 139 8.62 18.51 2.85
CA ASP A 139 9.53 17.91 1.85
C ASP A 139 9.63 16.40 1.91
N ASP A 140 9.55 15.85 3.11
CA ASP A 140 9.62 14.40 3.25
C ASP A 140 8.38 13.70 2.72
N VAL A 141 7.24 14.40 2.73
CA VAL A 141 6.02 13.85 2.21
C VAL A 141 6.10 13.94 0.68
N TYR A 142 6.58 15.07 0.17
CA TYR A 142 6.76 15.20 -1.29
C TYR A 142 7.80 14.16 -1.76
N GLU A 143 8.76 13.83 -0.87
CA GLU A 143 9.75 12.76 -1.17
C GLU A 143 9.03 11.45 -1.44
N GLN A 144 8.09 11.10 -0.56
CA GLN A 144 7.27 9.90 -0.77
C GLN A 144 6.38 9.93 -2.01
N CYS A 145 5.74 11.07 -2.31
CA CYS A 145 4.99 11.19 -3.53
C CYS A 145 5.78 10.78 -4.79
N ARG A 146 7.01 11.28 -4.87
CA ARG A 146 7.90 11.04 -5.98
C ARG A 146 8.24 9.54 -6.10
N ARG A 147 8.35 8.84 -4.96
CA ARG A 147 8.49 7.39 -5.00
C ARG A 147 7.26 6.70 -5.58
N GLN A 148 6.07 7.31 -5.42
CA GLN A 148 4.86 6.79 -6.03
C GLN A 148 4.56 7.48 -7.40
N GLU A 149 5.59 8.13 -7.98
CA GLU A 149 5.59 8.70 -9.32
C GLU A 149 4.66 9.90 -9.46
N LEU A 150 4.41 10.55 -8.34
CA LEU A 150 3.74 11.87 -8.33
C LEU A 150 4.81 12.89 -8.02
N VAL A 151 5.08 13.83 -8.94
CA VAL A 151 6.22 14.74 -8.82
C VAL A 151 5.81 16.21 -8.94
N HIS A 152 5.73 16.88 -7.79
CA HIS A 152 5.56 18.31 -7.72
C HIS A 152 6.97 18.95 -7.73
N SER A 153 7.12 20.04 -8.43
CA SER A 153 8.38 20.75 -8.44
C SER A 153 8.04 22.20 -8.35
N GLU A 154 8.98 22.95 -7.82
CA GLU A 154 9.00 24.38 -7.86
C GLU A 154 7.66 25.08 -7.43
N TYR A 155 7.08 25.86 -8.33
CA TYR A 155 5.79 26.57 -8.14
C TYR A 155 4.70 25.73 -7.45
N MET A 156 4.67 24.44 -7.73
CA MET A 156 3.62 23.48 -7.24
C MET A 156 3.90 22.86 -5.84
N LYS A 157 5.10 23.12 -5.27
CA LYS A 157 5.47 22.50 -4.01
C LYS A 157 5.20 23.50 -2.95
N ALA A 158 4.31 23.22 -1.99
CA ALA A 158 4.06 24.08 -0.93
C ALA A 158 5.29 23.91 0.04
N LYS A 159 5.46 24.86 0.93
CA LYS A 159 6.39 24.90 2.04
C LYS A 159 5.67 24.74 3.35
N GLY A 160 6.32 24.05 4.30
CA GLY A 160 5.77 23.82 5.64
C GLY A 160 5.94 22.39 6.15
N CYS A 161 5.05 22.00 7.07
CA CYS A 161 5.23 20.80 7.89
C CYS A 161 3.89 20.35 8.40
N ILE A 162 3.84 19.09 8.82
CA ILE A 162 2.65 18.46 9.26
C ILE A 162 2.76 18.13 10.77
N TYR A 163 1.86 18.72 11.56
CA TYR A 163 1.68 18.43 13.00
C TYR A 163 0.69 17.33 13.21
N GLU A 164 1.21 16.17 13.59
CA GLU A 164 0.43 14.93 13.77
C GLU A 164 -0.02 14.70 15.23
N GLU A 165 -1.24 14.20 15.40
CA GLU A 165 -1.67 13.66 16.68
C GLU A 165 -2.77 12.61 16.52
N GLU A 166 -3.16 11.93 17.61
CA GLU A 166 -4.04 10.77 17.48
C GLU A 166 -5.23 11.18 16.64
N ASP A 167 -5.71 12.40 16.85
CA ASP A 167 -6.98 12.84 16.34
C ASP A 167 -6.98 13.46 14.92
N GLY A 168 -5.81 13.76 14.38
CA GLY A 168 -5.79 14.30 13.04
C GLY A 168 -4.46 14.89 12.72
N VAL A 169 -4.47 15.86 11.82
CA VAL A 169 -3.22 16.49 11.42
C VAL A 169 -3.55 17.95 11.20
N LEU A 170 -2.54 18.80 11.42
CA LEU A 170 -2.59 20.22 11.06
C LEU A 170 -1.46 20.54 10.10
N LEU A 171 -1.80 21.12 8.93
CA LEU A 171 -0.81 21.41 7.85
C LEU A 171 -0.53 22.86 7.84
N GLU A 172 0.74 23.23 7.97
CA GLU A 172 1.17 24.62 8.00
C GLU A 172 1.81 24.82 6.65
N LEU A 173 1.07 25.48 5.75
CA LEU A 173 1.34 25.54 4.34
C LEU A 173 1.63 26.95 3.92
N SER A 174 2.60 27.18 3.05
CA SER A 174 2.77 28.50 2.43
C SER A 174 3.40 28.32 1.00
N LEU A 175 3.30 29.31 0.15
CA LEU A 175 3.94 29.28 -1.18
C LEU A 175 5.49 29.31 -1.06
N GLY A 176 6.14 28.61 -2.00
CA GLY A 176 7.55 28.78 -2.21
C GLY A 176 7.80 30.13 -2.80
N SER A 177 9.06 30.54 -2.89
CA SER A 177 9.34 31.92 -3.31
C SER A 177 8.91 32.28 -4.74
N GLU A 178 8.92 31.31 -5.67
CA GLU A 178 8.55 31.58 -7.04
C GLU A 178 7.05 31.84 -7.15
N ALA A 179 6.24 30.96 -6.58
CA ALA A 179 4.77 31.22 -6.55
C ALA A 179 4.35 32.46 -5.69
N MET A 180 5.08 32.70 -4.60
CA MET A 180 4.74 33.80 -3.71
C MET A 180 4.66 35.13 -4.42
N LEU A 181 5.59 35.31 -5.36
CA LEU A 181 5.77 36.48 -6.18
C LEU A 181 4.46 36.83 -6.87
N HIS A 182 3.65 35.79 -7.15
CA HIS A 182 2.46 36.03 -7.96
C HIS A 182 1.16 35.67 -7.27
N ALA A 183 1.18 35.58 -5.96
CA ALA A 183 0.04 35.09 -5.20
C ALA A 183 -1.20 35.98 -5.26
N GLU A 184 -0.98 37.28 -5.50
CA GLU A 184 -2.00 38.30 -5.33
C GLU A 184 -3.21 38.10 -6.29
N GLY A 185 -3.00 37.47 -7.43
CA GLY A 185 -4.08 37.30 -8.38
C GLY A 185 -4.94 36.05 -8.17
N PHE A 186 -4.51 35.18 -7.31
CA PHE A 186 -5.29 33.97 -7.03
C PHE A 186 -6.38 34.12 -5.95
N MET A 187 -7.34 33.19 -5.99
CA MET A 187 -8.42 33.23 -4.99
C MET A 187 -8.25 32.03 -4.03
N PHE A 188 -8.06 30.84 -4.59
CA PHE A 188 -7.79 29.65 -3.81
C PHE A 188 -6.59 28.96 -4.43
N HIS A 189 -5.39 29.40 -3.97
CA HIS A 189 -4.22 29.05 -4.68
C HIS A 189 -4.08 27.56 -4.86
N PRO A 190 -4.04 27.06 -6.13
CA PRO A 190 -3.80 25.59 -6.30
C PRO A 190 -2.65 24.91 -5.58
N THR A 191 -1.53 25.57 -5.33
CA THR A 191 -0.50 24.99 -4.48
C THR A 191 -0.87 24.80 -3.02
N LEU A 192 -1.59 25.76 -2.48
CA LEU A 192 -2.11 25.62 -1.13
C LEU A 192 -3.13 24.51 -1.08
N ILE A 193 -4.06 24.45 -2.04
CA ILE A 193 -5.12 23.45 -1.99
C ILE A 193 -4.49 22.06 -2.30
N ASP A 194 -3.70 21.95 -3.37
CA ASP A 194 -3.08 20.69 -3.66
C ASP A 194 -2.21 20.18 -2.47
N GLY A 195 -1.41 21.09 -1.91
CA GLY A 195 -0.55 20.76 -0.75
C GLY A 195 -1.37 20.22 0.42
N SER A 196 -2.58 20.73 0.58
CA SER A 196 -3.48 20.28 1.61
C SER A 196 -3.96 18.82 1.37
N GLY A 197 -4.24 18.49 0.06
CA GLY A 197 -4.50 17.15 -0.46
C GLY A 197 -3.33 16.22 -0.20
N VAL A 198 -2.12 16.72 -0.38
CA VAL A 198 -0.90 15.91 -0.11
C VAL A 198 -0.79 15.62 1.44
N GLY A 199 -1.08 16.62 2.26
CA GLY A 199 -1.16 16.43 3.71
C GLY A 199 -2.20 15.40 4.13
N ALA A 200 -3.41 15.54 3.59
CA ALA A 200 -4.47 14.54 3.77
C ALA A 200 -4.09 13.13 3.40
N ASN A 201 -3.41 12.99 2.28
CA ASN A 201 -2.99 11.69 1.82
C ASN A 201 -1.91 11.15 2.80
N HIS A 202 -1.12 12.03 3.40
CA HIS A 202 -0.14 11.56 4.41
C HIS A 202 -0.82 11.03 5.68
N LEU A 203 -1.98 11.57 6.04
CA LEU A 203 -2.74 11.09 7.21
C LEU A 203 -3.48 9.79 6.89
N LEU A 204 -3.77 9.57 5.61
CA LEU A 204 -4.41 8.36 5.16
C LEU A 204 -3.51 7.15 5.09
N THR A 205 -2.21 7.37 5.23
CA THR A 205 -1.21 6.31 5.00
C THR A 205 -1.57 4.98 5.70
N SER A 206 -1.77 4.96 7.02
CA SER A 206 -2.10 3.68 7.70
C SER A 206 -3.31 2.96 7.05
N LEU A 207 -4.38 3.71 6.75
CA LEU A 207 -5.56 3.13 6.12
C LEU A 207 -5.30 2.64 4.68
N LEU A 208 -4.18 3.03 4.09
CA LEU A 208 -3.80 2.62 2.74
C LEU A 208 -3.24 1.21 2.62
N LYS A 209 -2.82 0.63 3.75
CA LYS A 209 -2.30 -0.75 3.81
C LYS A 209 -1.24 -0.97 2.75
N GLY A 210 -0.24 -0.09 2.77
CA GLY A 210 0.91 -0.10 1.85
C GLY A 210 0.69 0.11 0.36
N GLU A 211 -0.51 0.52 -0.03
CA GLU A 211 -0.82 0.63 -1.45
C GLU A 211 0.08 1.70 -2.05
N GLN A 212 0.75 1.45 -3.20
CA GLN A 212 1.55 2.52 -3.82
C GLN A 212 0.94 3.21 -5.07
N ARG A 213 -0.17 2.73 -5.62
CA ARG A 213 -0.81 3.38 -6.77
C ARG A 213 -1.41 4.67 -6.27
N LEU A 214 -1.32 5.74 -7.05
CA LEU A 214 -1.84 7.03 -6.63
C LEU A 214 -3.35 7.09 -6.61
N TYR A 215 -3.91 7.98 -5.79
CA TYR A 215 -5.35 8.26 -5.84
C TYR A 215 -5.51 9.70 -6.37
N LEU A 216 -6.21 9.87 -7.48
CA LEU A 216 -6.42 11.21 -8.10
C LEU A 216 -7.80 11.74 -7.75
N PRO A 217 -7.97 13.06 -7.78
CA PRO A 217 -9.28 13.59 -7.51
C PRO A 217 -10.38 13.10 -8.45
N LEU A 218 -11.53 12.88 -7.82
CA LEU A 218 -12.72 12.38 -8.46
C LEU A 218 -13.94 13.30 -8.20
N PHE A 219 -14.15 13.65 -6.96
CA PHE A 219 -15.36 14.35 -6.49
C PHE A 219 -15.17 15.22 -5.23
N TYR A 220 -15.82 16.41 -5.24
CA TYR A 220 -15.90 17.32 -4.13
C TYR A 220 -17.36 17.47 -3.82
N GLU A 221 -17.78 17.20 -2.59
CA GLU A 221 -19.17 17.41 -2.20
C GLU A 221 -19.52 18.92 -2.18
N SER A 222 -18.64 19.67 -1.53
CA SER A 222 -18.78 21.13 -1.43
C SER A 222 -17.50 21.85 -1.08
N PHE A 223 -17.51 23.09 -1.48
CA PHE A 223 -16.51 24.05 -1.12
C PHE A 223 -17.22 25.32 -0.82
N SER A 224 -16.80 25.92 0.27
CA SER A 224 -17.37 27.13 0.79
C SER A 224 -16.21 27.91 1.39
N ALA A 225 -16.20 29.22 1.23
CA ALA A 225 -15.12 30.09 1.66
C ALA A 225 -15.65 31.52 1.97
N SER A 226 -15.26 32.01 3.15
CA SER A 226 -15.53 33.38 3.62
C SER A 226 -14.35 34.32 3.29
N ALA A 227 -13.21 33.80 2.88
CA ALA A 227 -12.05 34.64 2.54
C ALA A 227 -11.13 33.85 1.58
N LEU A 228 -10.34 34.60 0.84
CA LEU A 228 -9.41 34.01 -0.11
C LEU A 228 -8.29 33.26 0.56
N LEU A 229 -7.72 32.27 -0.13
CA LEU A 229 -6.51 31.61 0.32
C LEU A 229 -5.43 31.82 -0.70
N GLN A 230 -4.48 32.73 -0.41
CA GLN A 230 -3.54 33.18 -1.43
C GLN A 230 -2.09 32.82 -1.18
N THR A 231 -1.58 33.16 0.03
CA THR A 231 -0.16 32.99 0.41
C THR A 231 0.14 31.83 1.34
N ASP A 232 -0.82 31.52 2.20
CA ASP A 232 -0.56 30.58 3.29
C ASP A 232 -1.89 30.14 3.86
N CYS A 233 -1.91 28.98 4.57
CA CYS A 233 -3.04 28.66 5.35
C CYS A 233 -2.64 27.63 6.35
N MET A 234 -3.55 27.40 7.30
CA MET A 234 -3.43 26.31 8.19
C MET A 234 -4.57 25.34 7.89
N THR A 235 -4.23 24.15 7.43
CA THR A 235 -5.26 23.14 7.11
C THR A 235 -5.37 22.00 8.12
N ARG A 236 -6.58 21.80 8.62
CA ARG A 236 -6.79 20.72 9.56
C ARG A 236 -7.56 19.64 8.89
N ILE A 237 -7.12 18.41 9.12
CA ILE A 237 -7.81 17.27 8.66
C ILE A 237 -8.02 16.41 9.90
N LYS A 238 -9.29 16.11 10.19
CA LYS A 238 -9.64 15.27 11.32
C LYS A 238 -9.71 13.82 10.91
N ARG A 239 -9.15 12.94 11.76
CA ARG A 239 -9.16 11.51 11.42
C ARG A 239 -10.59 11.03 11.21
N SER A 240 -11.54 11.60 11.95
CA SER A 240 -12.94 11.17 11.86
C SER A 240 -13.55 11.42 10.47
N SER A 241 -12.94 12.34 9.71
CA SER A 241 -13.37 12.68 8.34
C SER A 241 -12.72 11.80 7.26
N VAL A 242 -11.61 11.15 7.58
CA VAL A 242 -10.85 10.46 6.57
C VAL A 242 -11.24 9.01 6.61
N ARG A 243 -11.47 8.43 5.44
CA ARG A 243 -11.74 7.03 5.39
C ARG A 243 -11.29 6.48 4.05
N ARG A 244 -11.06 5.17 3.97
CA ARG A 244 -10.93 4.44 2.69
C ARG A 244 -11.99 3.36 2.50
N GLU A 245 -12.64 3.37 1.34
CA GLU A 245 -13.56 2.33 0.92
C GLU A 245 -13.10 1.79 -0.44
N LYS A 246 -12.50 0.59 -0.40
CA LYS A 246 -11.87 -0.08 -1.53
C LYS A 246 -10.92 0.82 -2.36
N GLU A 247 -11.41 1.20 -3.53
CA GLU A 247 -10.80 2.04 -4.56
C GLU A 247 -10.86 3.58 -4.29
N LEU A 248 -11.64 3.98 -3.25
CA LEU A 248 -11.95 5.40 -2.96
C LEU A 248 -11.55 5.84 -1.61
N ILE A 249 -10.97 7.05 -1.53
CA ILE A 249 -10.60 7.69 -0.27
C ILE A 249 -11.36 8.98 -0.18
N TYR A 250 -11.65 9.39 1.06
CA TYR A 250 -12.47 10.54 1.38
C TYR A 250 -11.80 11.29 2.49
N VAL A 251 -11.78 12.62 2.42
CA VAL A 251 -11.25 13.43 3.47
C VAL A 251 -12.03 14.76 3.46
N THR A 252 -11.96 15.50 4.55
CA THR A 252 -12.61 16.80 4.62
C THR A 252 -11.48 17.75 5.03
N LEU A 253 -11.26 18.80 4.21
CA LEU A 253 -10.18 19.75 4.43
C LEU A 253 -10.72 21.03 5.03
N GLU A 254 -10.16 21.48 6.18
CA GLU A 254 -10.69 22.69 6.83
C GLU A 254 -9.61 23.75 6.78
N PHE A 255 -9.90 24.89 6.18
CA PHE A 255 -8.91 25.93 6.03
C PHE A 255 -9.03 27.06 7.04
N PHE A 256 -7.88 27.37 7.65
CA PHE A 256 -7.77 28.48 8.59
C PHE A 256 -6.70 29.51 8.22
N ASN A 257 -6.98 30.79 8.50
CA ASN A 257 -5.97 31.83 8.28
C ASN A 257 -4.87 31.80 9.37
N ALA A 258 -3.83 32.59 9.20
CA ALA A 258 -2.69 32.54 10.10
C ALA A 258 -3.10 32.98 11.52
N SER A 259 -4.17 33.74 11.62
CA SER A 259 -4.72 34.09 12.91
C SER A 259 -5.61 32.99 13.55
N GLY A 260 -5.79 31.84 12.88
CA GLY A 260 -6.56 30.71 13.43
C GLY A 260 -8.06 30.69 13.16
N GLU A 261 -8.55 31.64 12.39
CA GLU A 261 -9.98 31.65 12.13
C GLU A 261 -10.31 30.70 10.96
N LYS A 262 -11.37 29.92 11.10
CA LYS A 262 -11.82 29.04 9.96
C LYS A 262 -12.36 29.91 8.85
N VAL A 263 -11.82 29.74 7.63
CA VAL A 263 -12.25 30.51 6.46
C VAL A 263 -12.74 29.71 5.23
N ALA A 264 -12.51 28.41 5.20
CA ALA A 264 -12.99 27.61 4.15
C ALA A 264 -13.11 26.14 4.52
N GLU A 265 -13.87 25.41 3.74
CA GLU A 265 -13.89 23.98 3.90
C GLU A 265 -14.20 23.28 2.60
N LEU A 266 -13.40 22.26 2.30
CA LEU A 266 -13.71 21.31 1.20
C LEU A 266 -14.25 20.06 1.79
N LYS A 267 -15.56 19.88 1.67
CA LYS A 267 -16.17 18.67 2.32
C LYS A 267 -16.21 17.43 1.44
N ASN A 268 -15.78 16.28 1.98
CA ASN A 268 -15.73 14.98 1.24
C ASN A 268 -15.02 15.08 -0.10
N PHE A 269 -13.80 15.56 -0.01
CA PHE A 269 -12.83 15.44 -1.11
C PHE A 269 -12.54 13.94 -1.30
N THR A 270 -13.08 13.43 -2.40
CA THR A 270 -13.01 12.00 -2.81
C THR A 270 -12.03 11.84 -3.98
N SER A 271 -11.11 10.89 -3.84
CA SER A 271 -10.16 10.52 -4.86
C SER A 271 -10.22 9.01 -5.13
N LYS A 272 -9.71 8.60 -6.28
CA LYS A 272 -9.91 7.23 -6.76
C LYS A 272 -8.59 6.67 -7.20
N LEU A 273 -8.37 5.41 -6.83
CA LEU A 273 -7.14 4.73 -7.18
C LEU A 273 -6.87 4.71 -8.67
N VAL A 274 -5.63 5.03 -9.05
CA VAL A 274 -5.17 4.82 -10.41
C VAL A 274 -4.66 3.33 -10.65
CA VAL B 2 -0.97 -14.07 28.75
C VAL B 2 0.09 -12.98 28.75
N LYS B 3 1.21 -13.22 29.43
CA LYS B 3 2.39 -12.33 29.42
C LYS B 3 3.72 -13.01 28.95
N LYS B 4 3.85 -14.28 29.28
CA LYS B 4 5.03 -15.10 28.94
C LYS B 4 4.46 -16.46 28.56
N ILE B 5 4.63 -16.83 27.28
CA ILE B 5 4.15 -18.08 26.75
C ILE B 5 5.43 -18.93 26.43
N THR B 6 5.47 -20.18 26.86
CA THR B 6 6.57 -21.06 26.40
C THR B 6 6.02 -22.37 25.85
N LYS B 7 6.73 -22.97 24.88
CA LYS B 7 6.28 -24.23 24.29
C LYS B 7 7.61 -24.93 24.01
N GLN B 8 7.68 -26.19 24.43
CA GLN B 8 8.78 -27.06 24.14
C GLN B 8 8.37 -28.08 23.09
N LEU B 9 9.16 -28.16 21.99
CA LEU B 9 8.92 -29.05 20.90
C LEU B 9 10.07 -30.06 20.88
N THR B 10 9.77 -31.32 20.60
CA THR B 10 10.86 -32.34 20.43
C THR B 10 10.97 -32.69 18.98
N LEU B 11 12.06 -32.25 18.38
CA LEU B 11 12.21 -32.31 16.94
C LEU B 11 13.31 -33.36 16.64
N SER B 12 12.94 -34.30 15.77
CA SER B 12 13.78 -35.49 15.44
C SER B 12 13.33 -36.02 14.05
N LEU B 13 13.95 -37.09 13.53
CA LEU B 13 13.50 -37.77 12.32
C LEU B 13 12.10 -38.39 12.44
N LYS B 14 11.52 -38.41 13.63
CA LYS B 14 10.12 -38.88 13.80
C LYS B 14 9.13 -37.85 13.29
N ASN B 15 9.56 -36.59 13.19
CA ASN B 15 8.78 -35.52 12.60
C ASN B 15 8.80 -35.65 11.10
N PRO B 16 7.63 -35.67 10.46
CA PRO B 16 7.65 -35.97 9.03
C PRO B 16 8.22 -34.88 8.18
N PHE B 17 8.20 -33.63 8.63
CA PHE B 17 8.83 -32.56 7.85
C PHE B 17 10.38 -32.71 7.86
N ILE B 18 10.93 -33.09 8.99
CA ILE B 18 12.35 -33.31 9.08
C ILE B 18 12.74 -34.54 8.33
N TYR B 19 12.01 -35.63 8.50
CA TYR B 19 12.41 -36.83 7.84
C TYR B 19 12.41 -36.71 6.34
N HIS B 20 11.49 -35.90 5.79
CA HIS B 20 11.26 -35.83 4.34
C HIS B 20 11.84 -34.56 3.67
N HIS B 21 12.76 -33.91 4.38
CA HIS B 21 13.32 -32.69 3.90
C HIS B 21 14.79 -32.71 4.15
N VAL B 22 15.56 -32.96 3.08
CA VAL B 22 17.02 -33.26 3.19
C VAL B 22 17.75 -32.23 2.38
N VAL B 23 18.76 -31.63 2.99
CA VAL B 23 19.51 -30.52 2.40
C VAL B 23 21.02 -30.83 2.51
N TYR B 24 21.67 -30.99 1.37
CA TYR B 24 23.08 -31.41 1.33
C TYR B 24 23.29 -32.63 2.25
N GLY B 25 22.44 -33.62 2.02
CA GLY B 25 22.27 -34.82 2.86
C GLY B 25 21.94 -34.75 4.36
N GLN B 26 21.53 -33.61 4.89
CA GLN B 26 21.16 -33.52 6.33
C GLN B 26 19.65 -33.26 6.46
N ASN B 27 18.99 -33.95 7.39
CA ASN B 27 17.54 -33.71 7.60
C ASN B 27 17.39 -32.33 8.25
N VAL B 28 16.56 -31.45 7.70
CA VAL B 28 16.40 -30.10 8.16
C VAL B 28 14.93 -29.74 8.30
N LEU B 29 14.57 -29.19 9.42
CA LEU B 29 13.25 -28.60 9.50
C LEU B 29 13.16 -27.39 8.54
N PRO B 30 12.25 -27.44 7.56
CA PRO B 30 12.20 -26.25 6.69
C PRO B 30 11.98 -25.00 7.50
N GLY B 31 12.74 -23.98 7.16
CA GLY B 31 12.64 -22.74 7.85
C GLY B 31 11.24 -22.16 7.73
N LEU B 32 10.53 -22.44 6.64
CA LEU B 32 9.15 -21.94 6.45
C LEU B 32 8.09 -22.64 7.38
N ALA B 33 8.51 -23.68 8.07
CA ALA B 33 7.71 -24.37 9.04
C ALA B 33 7.55 -23.61 10.29
N TYR B 34 8.39 -22.58 10.52
CA TYR B 34 8.24 -21.75 11.76
C TYR B 34 6.92 -20.99 11.83
N ILE B 35 6.34 -20.64 10.69
CA ILE B 35 5.05 -19.92 10.66
C ILE B 35 3.95 -20.75 11.38
N ASP B 36 3.83 -22.00 10.93
CA ASP B 36 2.92 -22.93 11.59
C ASP B 36 3.22 -23.12 13.06
N ILE B 37 4.50 -23.38 13.41
CA ILE B 37 4.93 -23.50 14.78
C ILE B 37 4.42 -22.32 15.68
N ILE B 38 4.71 -21.08 15.26
CA ILE B 38 4.43 -19.96 16.05
C ILE B 38 2.91 -19.70 16.21
N TYR B 39 2.16 -19.83 15.11
CA TYR B 39 0.72 -19.56 15.15
C TYR B 39 0.00 -20.63 15.99
N GLN B 40 0.53 -21.86 15.97
CA GLN B 40 -0.03 -22.94 16.87
C GLN B 40 0.05 -22.57 18.31
N ILE B 41 1.20 -22.03 18.75
CA ILE B 41 1.44 -21.60 20.09
C ILE B 41 0.43 -20.47 20.53
N PHE B 42 0.27 -19.45 19.73
CA PHE B 42 -0.70 -18.39 20.06
C PHE B 42 -2.12 -18.85 20.05
N ARG B 43 -2.45 -19.75 19.13
CA ARG B 43 -3.78 -20.32 19.08
C ARG B 43 -4.11 -21.07 20.38
N GLU B 44 -3.13 -21.78 20.91
CA GLU B 44 -3.39 -22.59 22.10
C GLU B 44 -3.78 -21.68 23.28
N HIS B 45 -3.31 -20.42 23.22
CA HIS B 45 -3.58 -19.40 24.25
C HIS B 45 -4.73 -18.47 23.88
N GLY B 46 -5.40 -18.74 22.76
CA GLY B 46 -6.68 -18.11 22.47
C GLY B 46 -6.66 -17.12 21.37
N PHE B 47 -5.51 -16.96 20.72
CA PHE B 47 -5.44 -16.04 19.61
C PHE B 47 -5.75 -16.64 18.26
N SER B 48 -6.67 -15.99 17.54
CA SER B 48 -7.02 -16.30 16.18
C SER B 48 -5.92 -15.79 15.24
N CYS B 49 -5.62 -16.49 14.15
CA CYS B 49 -4.61 -16.03 13.18
C CYS B 49 -4.88 -14.64 12.65
N SER B 50 -6.15 -14.27 12.55
CA SER B 50 -6.45 -12.95 12.00
C SER B 50 -6.13 -11.78 12.98
N GLU B 51 -5.93 -12.09 14.25
CA GLU B 51 -5.55 -11.08 15.24
C GLU B 51 -4.11 -10.65 15.23
N LEU B 52 -3.26 -11.39 14.53
CA LEU B 52 -1.83 -11.35 14.74
C LEU B 52 -1.17 -10.94 13.42
N GLN B 53 0.03 -10.36 13.55
CA GLN B 53 0.94 -10.23 12.42
C GLN B 53 2.28 -10.65 12.94
N LEU B 54 2.89 -11.62 12.26
CA LEU B 54 4.27 -12.08 12.60
C LEU B 54 5.20 -11.09 11.88
N ARG B 55 6.19 -10.60 12.62
CA ARG B 55 7.14 -9.70 12.00
C ARG B 55 8.59 -10.00 12.29
N ASN B 56 9.44 -9.69 11.30
CA ASN B 56 10.90 -9.69 11.45
C ASN B 56 11.44 -10.99 12.02
N LEU B 57 11.03 -12.10 11.42
CA LEU B 57 11.57 -13.40 11.77
C LEU B 57 12.91 -13.59 11.18
N SER B 58 13.90 -13.87 12.01
CA SER B 58 15.22 -14.25 11.55
C SER B 58 15.57 -15.66 11.92
N ILE B 59 16.16 -16.36 10.96
CA ILE B 59 16.79 -17.65 11.14
C ILE B 59 18.31 -17.51 11.28
N TYR B 60 18.82 -18.02 12.39
CA TYR B 60 20.27 -17.93 12.76
C TYR B 60 21.03 -19.11 12.23
N GLN B 61 20.39 -20.29 12.19
CA GLN B 61 20.98 -21.47 11.65
C GLN B 61 19.90 -22.52 11.38
N PRO B 62 20.16 -23.49 10.49
CA PRO B 62 19.23 -24.57 10.24
C PRO B 62 19.07 -25.52 11.39
N LEU B 63 17.82 -25.99 11.58
CA LEU B 63 17.50 -26.92 12.64
C LEU B 63 17.61 -28.30 12.03
N THR B 64 18.70 -28.99 12.35
CA THR B 64 19.06 -30.22 11.67
C THR B 64 18.99 -31.32 12.70
N ALA B 65 18.70 -32.54 12.26
CA ALA B 65 18.78 -33.69 13.17
C ALA B 65 19.37 -34.84 12.41
N GLU B 66 20.22 -35.62 13.06
CA GLU B 66 20.56 -36.87 12.40
C GLU B 66 20.36 -38.07 13.31
N GLN B 67 20.24 -39.20 12.65
CA GLN B 67 20.15 -40.51 13.29
C GLN B 67 19.02 -40.40 14.31
N ASP B 68 19.30 -40.70 15.55
CA ASP B 68 18.35 -40.63 16.66
C ASP B 68 18.49 -39.40 17.53
N ALA B 69 19.24 -38.38 17.09
CA ALA B 69 19.43 -37.17 17.90
C ALA B 69 18.07 -36.42 18.00
N VAL B 70 17.82 -35.79 19.15
CA VAL B 70 16.52 -35.05 19.34
C VAL B 70 16.93 -33.63 19.61
N ILE B 71 16.29 -32.64 18.98
CA ILE B 71 16.49 -31.27 19.35
C ILE B 71 15.28 -30.81 20.19
N VAL B 72 15.57 -30.47 21.43
CA VAL B 72 14.53 -30.03 22.31
C VAL B 72 14.51 -28.50 22.18
N LEU B 73 13.47 -28.01 21.50
CA LEU B 73 13.37 -26.61 21.12
C LEU B 73 12.43 -25.88 22.06
N ASN B 74 12.97 -24.89 22.75
CA ASN B 74 12.24 -24.11 23.70
C ASN B 74 11.85 -22.83 23.02
N ILE B 75 10.53 -22.62 22.83
CA ILE B 75 10.02 -21.36 22.24
C ILE B 75 9.44 -20.49 23.34
N GLN B 76 10.03 -19.32 23.56
CA GLN B 76 9.45 -18.37 24.56
C GLN B 76 8.97 -17.10 23.83
N CYS B 77 7.74 -16.68 24.19
CA CYS B 77 7.08 -15.54 23.65
C CYS B 77 6.84 -14.66 24.89
N ALA B 78 7.43 -13.50 24.87
CA ALA B 78 7.38 -12.60 26.01
C ALA B 78 6.74 -11.32 25.57
N GLU B 79 5.65 -10.92 26.27
CA GLU B 79 4.88 -9.72 26.00
C GLU B 79 5.59 -8.47 26.54
N LYS B 80 6.42 -7.87 25.71
CA LYS B 80 7.31 -6.78 26.15
C LYS B 80 6.56 -5.47 26.35
N LYS B 81 5.67 -5.17 25.41
CA LYS B 81 4.74 -4.02 25.45
C LYS B 81 3.37 -4.59 25.11
N GLU B 82 2.31 -3.85 25.41
CA GLU B 82 0.96 -4.39 25.26
C GLU B 82 0.74 -4.81 23.79
N GLY B 83 0.26 -6.03 23.62
CA GLY B 83 0.06 -6.64 22.33
C GLY B 83 1.32 -6.89 21.50
N GLN B 84 2.50 -6.88 22.13
CA GLN B 84 3.77 -7.08 21.38
C GLN B 84 4.63 -8.15 22.01
N TRP B 85 4.85 -9.28 21.31
CA TRP B 85 5.67 -10.36 21.89
C TRP B 85 6.98 -10.56 21.14
N GLN B 86 8.05 -10.80 21.87
CA GLN B 86 9.32 -11.15 21.29
C GLN B 86 9.32 -12.65 21.46
N ILE B 87 9.67 -13.32 20.38
CA ILE B 87 9.77 -14.78 20.29
C ILE B 87 11.24 -15.20 20.11
N THR B 88 11.68 -16.17 20.88
CA THR B 88 13.03 -16.73 20.68
C THR B 88 12.92 -18.25 20.67
N ALA B 89 13.68 -18.96 19.81
CA ALA B 89 13.61 -20.38 19.86
C ALA B 89 15.04 -20.87 19.99
N LYS B 90 15.31 -21.54 21.08
CA LYS B 90 16.67 -22.01 21.35
C LYS B 90 16.55 -23.49 21.68
N GLY B 91 17.51 -24.27 21.19
CA GLY B 91 17.42 -25.68 21.35
C GLY B 91 18.72 -26.34 21.84
N ILE B 92 18.51 -27.46 22.47
CA ILE B 92 19.57 -28.34 22.96
C ILE B 92 19.43 -29.73 22.34
N GLU B 93 20.50 -30.26 21.80
CA GLU B 93 20.50 -31.57 21.22
C GLU B 93 20.77 -32.71 22.20
N LYS B 94 19.86 -33.69 22.27
CA LYS B 94 19.94 -34.79 23.23
C LYS B 94 20.20 -36.03 22.42
N ARG B 95 21.18 -36.79 22.86
CA ARG B 95 21.49 -37.99 22.14
C ARG B 95 22.22 -38.93 23.06
N ASP B 96 22.64 -40.01 22.45
CA ASP B 96 23.52 -41.02 23.05
C ASP B 96 23.79 -41.95 21.84
N GLY B 97 24.92 -41.86 21.13
CA GLY B 97 25.94 -40.79 21.15
C GLY B 97 26.39 -40.10 22.44
N LYS B 98 26.64 -38.78 22.36
CA LYS B 98 27.09 -37.95 23.51
C LYS B 98 25.91 -37.12 23.99
N GLU B 99 25.73 -37.05 25.32
CA GLU B 99 24.48 -36.58 25.93
C GLU B 99 24.25 -35.06 25.72
N ALA B 100 23.21 -34.51 26.33
CA ALA B 100 22.76 -33.12 26.03
C ALA B 100 23.92 -32.18 25.63
N SER B 101 23.81 -31.50 24.46
CA SER B 101 24.83 -30.52 23.95
C SER B 101 24.56 -29.03 24.36
N GLU B 102 25.36 -28.04 23.94
CA GLU B 102 25.17 -26.62 24.42
C GLU B 102 24.01 -25.85 23.70
N GLU B 103 23.31 -24.98 24.39
CA GLU B 103 22.09 -24.38 23.83
C GLU B 103 22.38 -23.45 22.65
N LYS B 104 21.66 -23.63 21.53
CA LYS B 104 21.83 -22.87 20.29
C LYS B 104 20.60 -22.08 19.90
N LEU B 105 20.86 -20.84 19.49
CA LEU B 105 19.82 -19.99 18.93
C LEU B 105 19.45 -20.34 17.47
N TYR B 106 18.16 -20.66 17.29
CA TYR B 106 17.68 -20.97 15.97
C TYR B 106 16.89 -19.86 15.27
N MET B 107 16.02 -19.14 15.99
CA MET B 107 15.10 -18.21 15.34
C MET B 107 14.70 -17.18 16.39
N LYS B 108 14.42 -15.94 15.97
CA LYS B 108 13.69 -14.97 16.80
C LYS B 108 12.68 -14.30 15.87
N ALA B 109 11.69 -13.61 16.44
CA ALA B 109 10.68 -12.99 15.70
C ALA B 109 9.88 -12.12 16.67
N ASP B 110 9.06 -11.26 16.12
CA ASP B 110 8.11 -10.47 16.85
C ASP B 110 6.71 -10.86 16.43
N MET B 111 5.78 -10.89 17.36
CA MET B 111 4.38 -11.11 16.97
C MET B 111 3.61 -9.91 17.55
N HIS B 112 2.80 -9.27 16.73
CA HIS B 112 2.01 -8.08 17.11
C HIS B 112 0.58 -8.49 17.11
N ALA B 113 -0.09 -8.27 18.24
CA ALA B 113 -1.50 -8.65 18.41
C ALA B 113 -2.40 -7.53 17.91
N ASP B 114 -1.79 -6.37 17.67
CA ASP B 114 -2.50 -5.25 17.09
C ASP B 114 -2.96 -5.61 15.68
N SER B 115 -4.07 -4.98 15.29
CA SER B 115 -4.55 -4.99 13.91
C SER B 115 -5.09 -6.34 13.40
N PRO B 116 -6.36 -6.35 12.98
CA PRO B 116 -6.89 -7.51 12.29
C PRO B 116 -6.38 -7.62 10.83
N ALA B 117 -6.07 -8.83 10.42
CA ALA B 117 -5.56 -9.10 9.10
C ALA B 117 -6.75 -9.21 8.17
N ILE B 118 -6.86 -8.30 7.23
CA ILE B 118 -7.93 -8.33 6.20
C ILE B 118 -7.34 -7.99 4.82
N PHE B 119 -7.84 -8.66 3.80
CA PHE B 119 -7.37 -8.54 2.44
C PHE B 119 -8.59 -8.37 1.56
N GLU B 120 -8.49 -7.52 0.56
CA GLU B 120 -9.58 -7.28 -0.41
C GLU B 120 -9.34 -7.88 -1.79
N GLU B 121 -8.07 -8.11 -2.11
CA GLU B 121 -7.69 -8.60 -3.43
C GLU B 121 -8.43 -9.89 -3.77
N THR B 122 -9.00 -9.98 -4.99
CA THR B 122 -9.49 -11.29 -5.50
C THR B 122 -8.93 -11.55 -6.89
N LEU B 123 -8.99 -12.81 -7.32
CA LEU B 123 -8.49 -13.23 -8.61
C LEU B 123 -9.55 -13.98 -9.41
CA ASP B 124 -10.29 -14.83 -11.55
C ASP B 124 -9.34 -15.95 -11.96
N LEU B 125 -9.35 -17.05 -11.21
CA LEU B 125 -8.32 -18.11 -11.38
C LEU B 125 -8.24 -18.71 -12.80
N SER B 126 -9.37 -19.19 -13.29
CA SER B 126 -9.46 -19.74 -14.66
C SER B 126 -8.84 -18.79 -15.70
N GLN B 127 -9.23 -17.53 -15.62
CA GLN B 127 -8.64 -16.48 -16.45
C GLN B 127 -7.10 -16.54 -16.49
N ILE B 128 -6.51 -16.70 -15.29
CA ILE B 128 -5.08 -16.60 -15.13
C ILE B 128 -4.45 -17.83 -15.79
N LYS B 129 -5.10 -18.98 -15.65
CA LYS B 129 -4.64 -20.19 -16.32
C LYS B 129 -4.72 -19.97 -17.82
N ALA B 130 -5.91 -19.62 -18.30
CA ALA B 130 -6.13 -19.35 -19.74
C ALA B 130 -5.10 -18.39 -20.36
N SER B 131 -4.67 -17.37 -19.61
CA SER B 131 -3.66 -16.43 -20.11
C SER B 131 -2.21 -16.89 -19.89
N ALA B 132 -2.02 -18.13 -19.41
CA ALA B 132 -0.69 -18.64 -19.13
C ALA B 132 0.10 -18.96 -20.38
N GLN B 133 1.37 -18.60 -20.39
CA GLN B 133 2.23 -18.82 -21.55
C GLN B 133 2.80 -20.24 -21.52
N ASN B 134 3.18 -20.71 -20.33
CA ASN B 134 3.64 -22.07 -20.14
C ASN B 134 3.18 -22.59 -18.78
N VAL B 135 2.87 -23.89 -18.73
CA VAL B 135 2.64 -24.62 -17.48
C VAL B 135 3.81 -25.56 -17.12
N VAL B 136 4.40 -25.37 -15.94
CA VAL B 136 5.41 -26.31 -15.44
C VAL B 136 4.75 -27.18 -14.36
N GLN B 137 4.78 -28.50 -14.52
CA GLN B 137 4.36 -29.37 -13.43
C GLN B 137 5.39 -29.28 -12.27
N LEU B 138 4.88 -29.29 -11.07
CA LEU B 138 5.72 -29.10 -9.93
C LEU B 138 6.72 -30.26 -9.70
N ASP B 139 6.34 -31.49 -10.01
CA ASP B 139 7.35 -32.56 -9.96
C ASP B 139 8.63 -32.28 -10.70
N ASP B 140 8.51 -31.55 -11.79
CA ASP B 140 9.71 -31.17 -12.56
C ASP B 140 10.56 -30.17 -11.83
N VAL B 141 9.94 -29.35 -10.98
CA VAL B 141 10.67 -28.35 -10.22
C VAL B 141 11.35 -29.08 -9.07
N TYR B 142 10.63 -29.99 -8.42
CA TYR B 142 11.23 -30.79 -7.36
C TYR B 142 12.38 -31.63 -7.97
N GLU B 143 12.22 -32.03 -9.24
CA GLU B 143 13.31 -32.75 -9.95
C GLU B 143 14.59 -31.90 -9.96
N GLN B 144 14.45 -30.62 -10.30
CA GLN B 144 15.59 -29.71 -10.26
C GLN B 144 16.17 -29.48 -8.87
N CYS B 145 15.31 -29.32 -7.86
CA CYS B 145 15.80 -29.20 -6.49
C CYS B 145 16.79 -30.33 -6.12
N ARG B 146 16.40 -31.54 -6.45
CA ARG B 146 17.17 -32.75 -6.15
C ARG B 146 18.55 -32.72 -6.87
N ARG B 147 18.59 -32.18 -8.07
CA ARG B 147 19.88 -31.97 -8.74
C ARG B 147 20.73 -30.96 -7.98
N GLN B 148 20.11 -30.02 -7.25
CA GLN B 148 20.86 -29.09 -6.40
C GLN B 148 20.94 -29.58 -4.93
N GLU B 149 20.66 -30.86 -4.72
CA GLU B 149 20.84 -31.58 -3.46
C GLU B 149 19.84 -31.14 -2.39
N LEU B 150 18.72 -30.63 -2.85
CA LEU B 150 17.58 -30.35 -1.97
C LEU B 150 16.55 -31.37 -2.29
N VAL B 151 16.21 -32.24 -1.34
CA VAL B 151 15.36 -33.39 -1.60
C VAL B 151 14.12 -33.45 -0.66
N HIS B 152 12.98 -33.07 -1.21
CA HIS B 152 11.68 -33.24 -0.59
C HIS B 152 11.14 -34.62 -1.00
N SER B 153 10.53 -35.32 -0.07
CA SER B 153 9.92 -36.59 -0.41
C SER B 153 8.63 -36.63 0.29
N GLU B 154 7.71 -37.41 -0.26
CA GLU B 154 6.48 -37.79 0.39
C GLU B 154 5.65 -36.65 1.04
N TYR B 155 5.43 -36.72 2.35
CA TYR B 155 4.71 -35.66 3.14
C TYR B 155 5.07 -34.19 2.80
N MET B 156 6.34 -33.98 2.45
CA MET B 156 6.93 -32.66 2.18
C MET B 156 6.82 -32.16 0.72
N LYS B 157 6.30 -33.03 -0.18
CA LYS B 157 6.17 -32.65 -1.58
C LYS B 157 4.78 -32.22 -1.83
N ALA B 158 4.57 -30.97 -2.24
CA ALA B 158 3.28 -30.49 -2.55
C ALA B 158 2.98 -31.11 -3.97
N LYS B 159 1.69 -31.12 -4.31
CA LYS B 159 1.15 -31.47 -5.59
C LYS B 159 0.67 -30.22 -6.32
N GLY B 160 0.81 -30.22 -7.65
CA GLY B 160 0.31 -29.15 -8.51
C GLY B 160 1.29 -28.69 -9.57
N CYS B 161 1.13 -27.46 -10.01
CA CYS B 161 1.79 -26.95 -11.23
C CYS B 161 1.92 -25.47 -11.14
N ILE B 162 2.82 -24.94 -11.97
CA ILE B 162 3.15 -23.54 -11.98
C ILE B 162 2.70 -22.93 -13.33
N TYR B 163 1.79 -21.96 -13.24
CA TYR B 163 1.31 -21.13 -14.38
C TYR B 163 2.17 -19.91 -14.51
N GLU B 164 2.99 -19.89 -15.58
CA GLU B 164 3.97 -18.84 -15.85
C GLU B 164 3.46 -17.78 -16.83
N GLU B 165 3.81 -16.51 -16.57
CA GLU B 165 3.65 -15.46 -17.56
C GLU B 165 4.61 -14.29 -17.34
N GLU B 166 4.65 -13.31 -18.27
CA GLU B 166 5.74 -12.32 -18.23
C GLU B 166 5.77 -11.74 -16.84
N ASP B 167 4.60 -11.56 -16.23
CA ASP B 167 4.46 -10.79 -15.02
C ASP B 167 4.64 -11.56 -13.69
N GLY B 168 4.67 -12.88 -13.74
CA GLY B 168 4.86 -13.59 -12.49
C GLY B 168 4.51 -15.04 -12.66
N VAL B 169 4.11 -15.65 -11.56
CA VAL B 169 3.77 -17.05 -11.60
C VAL B 169 2.60 -17.21 -10.67
N LEU B 170 1.75 -18.20 -10.94
CA LEU B 170 0.71 -18.66 -10.04
C LEU B 170 0.92 -20.14 -9.72
N LEU B 171 0.99 -20.47 -8.43
CA LEU B 171 1.26 -21.86 -7.96
C LEU B 171 -0.01 -22.47 -7.49
N GLU B 172 -0.40 -23.62 -8.05
CA GLU B 172 -1.62 -24.35 -7.70
C GLU B 172 -1.12 -25.52 -6.89
N LEU B 173 -1.24 -25.40 -5.57
CA LEU B 173 -0.60 -26.28 -4.60
C LEU B 173 -1.62 -27.04 -3.81
N SER B 174 -1.39 -28.32 -3.56
CA SER B 174 -2.22 -29.05 -2.58
C SER B 174 -1.35 -30.15 -1.89
N LEU B 175 -1.80 -30.67 -0.77
CA LEU B 175 -1.13 -31.79 -0.10
C LEU B 175 -1.20 -33.09 -0.91
N GLY B 176 -0.12 -33.89 -0.84
CA GLY B 176 -0.16 -35.26 -1.31
C GLY B 176 -1.04 -36.04 -0.40
N SER B 177 -1.35 -37.28 -0.77
CA SER B 177 -2.34 -38.04 -0.01
C SER B 177 -1.95 -38.36 1.45
N GLU B 178 -0.65 -38.52 1.71
CA GLU B 178 -0.22 -38.87 3.03
C GLU B 178 -0.42 -37.68 3.97
N ALA B 179 0.05 -36.48 3.57
CA ALA B 179 -0.16 -35.29 4.39
C ALA B 179 -1.64 -34.88 4.49
N MET B 180 -2.37 -35.08 3.39
CA MET B 180 -3.79 -34.70 3.35
C MET B 180 -4.59 -35.26 4.50
N LEU B 181 -4.28 -36.49 4.83
CA LEU B 181 -4.91 -37.28 5.86
C LEU B 181 -4.89 -36.52 7.17
N HIS B 182 -3.86 -35.69 7.35
CA HIS B 182 -3.65 -35.05 8.66
C HIS B 182 -3.67 -33.54 8.62
N ALA B 183 -4.26 -32.97 7.57
CA ALA B 183 -4.22 -31.51 7.34
C ALA B 183 -4.97 -30.70 8.38
N GLU B 184 -6.00 -31.32 8.99
CA GLU B 184 -6.96 -30.63 9.83
C GLU B 184 -6.33 -29.93 11.06
N GLY B 185 -5.21 -30.45 11.55
CA GLY B 185 -4.60 -29.89 12.73
C GLY B 185 -3.64 -28.74 12.48
N PHE B 186 -3.29 -28.51 11.24
CA PHE B 186 -2.39 -27.42 10.89
C PHE B 186 -3.05 -26.07 10.70
N MET B 187 -2.22 -25.03 10.78
CA MET B 187 -2.74 -23.67 10.54
C MET B 187 -2.18 -23.07 9.23
N PHE B 188 -0.85 -23.18 9.05
CA PHE B 188 -0.18 -22.79 7.83
C PHE B 188 0.74 -23.91 7.40
N HIS B 189 0.14 -24.85 6.64
CA HIS B 189 0.78 -26.14 6.47
C HIS B 189 2.16 -25.97 5.89
N PRO B 190 3.21 -26.41 6.64
CA PRO B 190 4.56 -26.34 6.04
C PRO B 190 4.79 -26.82 4.62
N THR B 191 4.10 -27.84 4.15
CA THR B 191 4.21 -28.27 2.76
C THR B 191 3.70 -27.28 1.76
N LEU B 192 2.57 -26.68 2.10
CA LEU B 192 2.05 -25.61 1.27
C LEU B 192 2.97 -24.41 1.28
N ILE B 193 3.48 -23.99 2.45
CA ILE B 193 4.29 -22.80 2.51
C ILE B 193 5.67 -23.13 1.84
N ASP B 194 6.28 -24.26 2.20
CA ASP B 194 7.56 -24.61 1.58
C ASP B 194 7.42 -24.75 0.03
N GLY B 195 6.38 -25.45 -0.40
CA GLY B 195 6.07 -25.58 -1.84
C GLY B 195 5.97 -24.23 -2.56
N SER B 196 5.42 -23.24 -1.88
CA SER B 196 5.31 -21.90 -2.40
C SER B 196 6.70 -21.24 -2.60
N GLY B 197 7.60 -21.45 -1.61
CA GLY B 197 9.04 -21.13 -1.65
C GLY B 197 9.72 -21.78 -2.84
N VAL B 198 9.41 -23.05 -3.08
CA VAL B 198 9.99 -23.79 -4.22
C VAL B 198 9.47 -23.17 -5.56
N GLY B 199 8.19 -22.83 -5.62
CA GLY B 199 7.64 -22.10 -6.79
C GLY B 199 8.31 -20.75 -7.03
N ALA B 200 8.43 -19.96 -5.96
CA ALA B 200 9.22 -18.71 -5.98
C ALA B 200 10.63 -18.86 -6.50
N ASN B 201 11.31 -19.88 -6.04
CA ASN B 201 12.67 -20.13 -6.46
C ASN B 201 12.67 -20.50 -7.96
N HIS B 202 11.62 -21.16 -8.43
CA HIS B 202 11.55 -21.46 -9.87
C HIS B 202 11.39 -20.19 -10.73
N LEU B 203 10.74 -19.17 -10.19
CA LEU B 203 10.56 -17.89 -10.91
C LEU B 203 11.84 -17.07 -10.87
N LEU B 204 12.66 -17.30 -9.85
CA LEU B 204 13.92 -16.62 -9.70
C LEU B 204 15.02 -17.14 -10.62
N THR B 205 14.77 -18.26 -11.26
CA THR B 205 15.81 -18.96 -12.03
C THR B 205 16.63 -18.02 -12.93
N SER B 206 15.98 -17.29 -13.84
CA SER B 206 16.75 -16.39 -14.75
C SER B 206 17.70 -15.45 -13.98
N LEU B 207 17.20 -14.84 -12.89
CA LEU B 207 18.01 -13.93 -12.09
C LEU B 207 19.14 -14.63 -11.32
N LEU B 208 19.09 -15.97 -11.26
CA LEU B 208 20.11 -16.78 -10.59
C LEU B 208 21.40 -16.97 -11.38
N LYS B 209 21.35 -16.71 -12.69
CA LYS B 209 22.55 -16.78 -13.57
C LYS B 209 23.29 -18.09 -13.37
N GLY B 210 22.54 -19.18 -13.53
CA GLY B 210 23.04 -20.57 -13.40
C GLY B 210 23.58 -21.04 -12.06
N GLU B 211 23.38 -20.28 -11.00
CA GLU B 211 23.97 -20.65 -9.72
C GLU B 211 23.29 -21.93 -9.25
N GLN B 212 24.01 -22.95 -8.77
CA GLN B 212 23.20 -24.00 -8.14
C GLN B 212 23.46 -24.41 -6.68
N ARG B 213 24.17 -23.55 -5.94
CA ARG B 213 24.21 -23.62 -4.50
C ARG B 213 22.83 -23.17 -4.03
N LEU B 214 22.26 -23.87 -3.04
CA LEU B 214 20.91 -23.56 -2.56
C LEU B 214 20.84 -22.26 -1.80
N TYR B 215 19.66 -21.64 -1.77
CA TYR B 215 19.43 -20.48 -0.91
C TYR B 215 18.43 -20.89 0.20
N LEU B 216 18.81 -20.79 1.45
CA LEU B 216 17.96 -21.23 2.58
C LEU B 216 17.31 -20.02 3.21
N PRO B 217 16.15 -20.24 3.85
CA PRO B 217 15.56 -19.08 4.52
C PRO B 217 16.46 -18.41 5.56
N LEU B 218 16.35 -17.08 5.56
CA LEU B 218 17.07 -16.18 6.43
C LEU B 218 16.10 -15.26 7.24
N PHE B 219 15.18 -14.61 6.57
CA PHE B 219 14.34 -13.52 7.10
C PHE B 219 13.00 -13.39 6.40
N TYR B 220 11.94 -13.17 7.23
CA TYR B 220 10.60 -12.83 6.83
C TYR B 220 10.31 -11.45 7.38
N GLU B 221 9.93 -10.49 6.54
CA GLU B 221 9.54 -9.15 7.01
C GLU B 221 8.22 -9.21 7.81
N SER B 222 7.25 -9.90 7.20
CA SER B 222 5.94 -10.09 7.81
C SER B 222 5.17 -11.24 7.22
N PHE B 223 4.28 -11.72 8.06
CA PHE B 223 3.28 -12.68 7.72
C PHE B 223 2.01 -12.25 8.37
N SER B 224 0.95 -12.30 7.57
CA SER B 224 -0.38 -11.89 7.98
C SER B 224 -1.34 -12.83 7.28
N ALA B 225 -2.40 -13.24 7.96
CA ALA B 225 -3.37 -14.18 7.45
C ALA B 225 -4.77 -13.94 8.07
N SER B 226 -5.77 -13.91 7.19
CA SER B 226 -7.19 -13.82 7.55
C SER B 226 -7.83 -15.22 7.64
N ALA B 227 -7.15 -16.26 7.16
CA ALA B 227 -7.71 -17.66 7.21
C ALA B 227 -6.54 -18.65 7.16
N LEU B 228 -6.80 -19.83 7.66
CA LEU B 228 -5.82 -20.88 7.62
C LEU B 228 -5.49 -21.39 6.23
N LEU B 229 -4.30 -21.94 6.07
CA LEU B 229 -3.92 -22.64 4.85
C LEU B 229 -3.60 -24.08 5.18
N GLN B 230 -4.53 -24.98 4.90
CA GLN B 230 -4.45 -26.34 5.42
C GLN B 230 -4.23 -27.39 4.36
N THR B 231 -5.11 -27.39 3.32
CA THR B 231 -5.13 -28.44 2.28
C THR B 231 -4.59 -28.04 0.94
N ASP B 232 -4.76 -26.76 0.62
CA ASP B 232 -4.48 -26.29 -0.73
C ASP B 232 -4.38 -24.77 -0.71
N CYS B 233 -3.71 -24.19 -1.72
CA CYS B 233 -3.82 -22.80 -1.90
C CYS B 233 -3.40 -22.46 -3.30
N MET B 234 -3.67 -21.19 -3.67
CA MET B 234 -3.17 -20.64 -4.87
C MET B 234 -2.20 -19.55 -4.50
N THR B 235 -0.93 -19.75 -4.82
CA THR B 235 0.08 -18.72 -4.48
C THR B 235 0.56 -17.90 -5.68
N ARG B 236 0.50 -16.59 -5.55
CA ARG B 236 0.97 -15.74 -6.62
C ARG B 236 2.23 -15.09 -6.20
N ILE B 237 3.20 -15.10 -7.12
CA ILE B 237 4.41 -14.40 -6.90
C ILE B 237 4.57 -13.48 -8.11
N LYS B 238 4.64 -12.18 -7.83
CA LYS B 238 4.79 -11.17 -8.88
C LYS B 238 6.25 -10.94 -9.16
N ARG B 239 6.62 -10.86 -10.46
CA ARG B 239 8.05 -10.62 -10.77
C ARG B 239 8.56 -9.37 -10.11
N SER B 240 7.70 -8.38 -9.99
CA SER B 240 8.10 -7.08 -9.40
C SER B 240 8.53 -7.18 -7.92
N SER B 241 8.14 -8.28 -7.27
CA SER B 241 8.53 -8.57 -5.88
C SER B 241 9.84 -9.38 -5.74
N VAL B 242 10.24 -10.04 -6.81
CA VAL B 242 11.35 -10.95 -6.72
C VAL B 242 12.60 -10.25 -7.16
N ARG B 243 13.67 -10.39 -6.39
CA ARG B 243 14.92 -9.84 -6.83
C ARG B 243 16.07 -10.66 -6.26
N ARG B 244 17.24 -10.56 -6.88
CA ARG B 244 18.50 -11.03 -6.29
C ARG B 244 19.53 -9.93 -6.08
N GLU B 245 20.09 -9.86 -4.88
CA GLU B 245 21.20 -8.97 -4.54
C GLU B 245 22.34 -9.81 -3.97
N LYS B 246 23.37 -10.01 -4.80
CA LYS B 246 24.51 -10.88 -4.55
C LYS B 246 24.13 -12.28 -4.00
N GLU B 247 24.36 -12.44 -2.71
CA GLU B 247 24.15 -13.63 -1.87
C GLU B 247 22.67 -13.84 -1.40
N LEU B 248 21.82 -12.83 -1.63
CA LEU B 248 20.43 -12.79 -1.09
C LEU B 248 19.39 -12.68 -2.13
N ILE B 249 18.29 -13.44 -1.95
CA ILE B 249 17.15 -13.38 -2.82
C ILE B 249 15.98 -13.00 -1.96
N TYR B 250 15.00 -12.35 -2.59
CA TYR B 250 13.83 -11.79 -1.93
C TYR B 250 12.64 -12.10 -2.80
N VAL B 251 11.52 -12.48 -2.18
CA VAL B 251 10.27 -12.67 -2.90
C VAL B 251 9.14 -12.30 -1.93
N THR B 252 7.96 -12.09 -2.47
CA THR B 252 6.78 -11.83 -1.67
C THR B 252 5.76 -12.87 -2.14
N LEU B 253 5.25 -13.69 -1.19
CA LEU B 253 4.32 -14.75 -1.47
C LEU B 253 2.91 -14.32 -1.12
N GLU B 254 1.96 -14.45 -2.05
CA GLU B 254 0.59 -13.99 -1.78
C GLU B 254 -0.28 -15.22 -1.82
N PHE B 255 -1.00 -15.50 -0.75
CA PHE B 255 -1.81 -16.70 -0.70
C PHE B 255 -3.30 -16.46 -0.93
N PHE B 256 -3.86 -17.27 -1.83
CA PHE B 256 -5.29 -17.24 -2.14
C PHE B 256 -6.01 -18.59 -1.95
N ASN B 257 -7.26 -18.54 -1.47
CA ASN B 257 -8.05 -19.78 -1.34
C ASN B 257 -8.58 -20.25 -2.72
N ALA B 258 -9.16 -21.42 -2.75
CA ALA B 258 -9.53 -22.03 -4.02
C ALA B 258 -10.60 -21.17 -4.73
N SER B 259 -11.33 -20.39 -3.95
CA SER B 259 -12.28 -19.45 -4.51
C SER B 259 -11.64 -18.14 -5.05
N GLY B 260 -10.31 -17.96 -4.92
CA GLY B 260 -9.62 -16.78 -5.45
C GLY B 260 -9.49 -15.59 -4.53
N GLU B 261 -9.94 -15.72 -3.29
CA GLU B 261 -9.83 -14.61 -2.38
C GLU B 261 -8.44 -14.58 -1.75
N LYS B 262 -7.84 -13.40 -1.66
CA LYS B 262 -6.52 -13.28 -0.95
C LYS B 262 -6.74 -13.53 0.55
N VAL B 263 -5.96 -14.46 1.12
CA VAL B 263 -6.05 -14.76 2.56
C VAL B 263 -4.75 -14.65 3.38
N ALA B 264 -3.62 -14.55 2.73
CA ALA B 264 -2.37 -14.38 3.46
C ALA B 264 -1.28 -13.75 2.62
N GLU B 265 -0.28 -13.23 3.29
CA GLU B 265 0.88 -12.77 2.57
C GLU B 265 2.12 -12.89 3.41
N LEU B 266 3.17 -13.46 2.81
CA LEU B 266 4.52 -13.43 3.42
C LEU B 266 5.33 -12.40 2.69
N LYS B 267 5.52 -11.25 3.32
CA LYS B 267 6.22 -10.16 2.63
C LYS B 267 7.75 -10.21 2.79
N ASN B 268 8.48 -10.06 1.67
CA ASN B 268 9.98 -10.11 1.68
C ASN B 268 10.56 -11.31 2.38
N PHE B 269 10.12 -12.45 1.91
CA PHE B 269 10.78 -13.74 2.22
C PHE B 269 12.17 -13.69 1.58
N THR B 270 13.16 -13.56 2.46
CA THR B 270 14.60 -13.44 2.14
C THR B 270 15.31 -14.74 2.47
N SER B 271 16.09 -15.24 1.49
CA SER B 271 16.92 -16.40 1.65
C SER B 271 18.38 -16.08 1.26
N LYS B 272 19.30 -16.92 1.72
CA LYS B 272 20.74 -16.61 1.59
C LYS B 272 21.45 -17.81 1.01
N LEU B 273 22.36 -17.54 0.09
CA LEU B 273 23.15 -18.59 -0.53
C LEU B 273 23.92 -19.43 0.46
N VAL B 274 23.87 -20.76 0.31
CA VAL B 274 24.67 -21.63 1.13
C VAL B 274 26.06 -21.84 0.44
#